data_1KKS
#
_entry.id   1KKS
#
_entity_poly.entity_id   1
_entity_poly.type   'polyribonucleotide'
_entity_poly.pdbx_seq_one_letter_code
;GGAAGGCCCUUUUCAGGGCCACCC
;
_entity_poly.pdbx_strand_id   A
#